data_1C81
#
_entry.id   1C81
#
_cell.length_a   80.1
_cell.length_b   51.6
_cell.length_c   49.3
_cell.angle_alpha   90
_cell.angle_beta   95.7
_cell.angle_gamma   90
#
_symmetry.space_group_name_H-M   'P 1 21 1'
#
loop_
_entity.id
_entity.type
_entity.pdbx_description
1 polymer FRUCTOSE-2,6-BISPHOSPHATASE
2 non-polymer 2,5-anhydro-1-deoxy-1-phosphono-6-O-phosphono-D-glucitol
3 water water
#
_entity_poly.entity_id   1
_entity_poly.type   'polypeptide(L)'
_entity_poly.pdbx_seq_one_letter_code
;MRSIYLCRHGESELNLRGRIGGDSGLSARGKQYAYALANFIRSQGISSLKVWTSHMKRTIQTAEALGVPYEQWKALNEID
AGVCEEMTYEEIQEHYPEEFALRDQDKYRYRYPKGESYEDLVQRLEPVIMELERQENVLVICHQAVMRCLLAYFLDKSSD
ELPYLKCPLHTVLKLTPVAYGCRVESIYLNV
;
_entity_poly.pdbx_strand_id   A
#
# COMPACT_ATOMS: atom_id res chain seq x y z
N MET A 1 -15.26 5.44 18.55
CA MET A 1 -13.84 5.30 18.09
C MET A 1 -13.74 4.08 17.18
N ARG A 2 -13.05 4.22 16.06
CA ARG A 2 -12.89 3.12 15.12
C ARG A 2 -11.44 3.14 14.63
N SER A 3 -10.96 2.00 14.15
CA SER A 3 -9.60 1.92 13.65
C SER A 3 -9.57 1.52 12.18
N ILE A 4 -8.51 1.95 11.49
CA ILE A 4 -8.31 1.67 10.08
C ILE A 4 -6.87 1.16 9.99
N TYR A 5 -6.72 -0.15 9.91
CA TYR A 5 -5.40 -0.73 9.81
C TYR A 5 -4.89 -0.70 8.38
N LEU A 6 -3.99 0.23 8.12
CA LEU A 6 -3.37 0.37 6.81
C LEU A 6 -2.03 -0.33 6.84
N CYS A 7 -1.91 -1.41 6.08
CA CYS A 7 -0.65 -2.12 6.04
C CYS A 7 -0.41 -2.53 4.62
N ARG A 8 0.83 -2.86 4.32
CA ARG A 8 1.23 -3.28 2.99
C ARG A 8 1.29 -4.81 2.94
N HIS A 9 1.16 -5.37 1.75
CA HIS A 9 1.23 -6.80 1.54
C HIS A 9 2.56 -7.34 2.09
N GLY A 10 2.62 -8.64 2.34
CA GLY A 10 3.84 -9.23 2.83
C GLY A 10 4.84 -9.21 1.69
N GLU A 11 6.12 -9.07 2.02
CA GLU A 11 7.21 -9.04 1.05
C GLU A 11 7.02 -10.02 -0.10
N SER A 12 7.15 -9.53 -1.33
CA SER A 12 6.99 -10.34 -2.52
C SER A 12 8.31 -10.83 -3.09
N GLU A 13 8.23 -11.78 -4.01
CA GLU A 13 9.41 -12.34 -4.65
C GLU A 13 10.18 -11.23 -5.35
N LEU A 14 9.45 -10.28 -5.93
CA LEU A 14 10.06 -9.15 -6.64
C LEU A 14 10.61 -8.08 -5.68
N ASN A 15 10.01 -7.93 -4.50
CA ASN A 15 10.50 -6.96 -3.52
C ASN A 15 11.90 -7.42 -3.07
N LEU A 16 12.07 -8.74 -2.90
CA LEU A 16 13.34 -9.33 -2.50
C LEU A 16 14.46 -9.04 -3.52
N ARG A 17 14.08 -8.99 -4.79
CA ARG A 17 15.01 -8.73 -5.89
C ARG A 17 15.20 -7.24 -6.15
N GLY A 18 14.61 -6.41 -5.31
CA GLY A 18 14.74 -4.98 -5.47
C GLY A 18 14.06 -4.45 -6.72
N ARG A 19 13.03 -5.14 -7.22
CA ARG A 19 12.33 -4.70 -8.41
C ARG A 19 10.95 -4.09 -8.13
N ILE A 20 10.49 -3.20 -8.99
CA ILE A 20 9.18 -2.55 -8.80
C ILE A 20 8.05 -3.11 -9.66
N GLY A 21 6.81 -2.89 -9.23
CA GLY A 21 5.65 -3.36 -9.97
C GLY A 21 5.47 -4.85 -10.01
N GLY A 22 4.90 -5.34 -11.10
CA GLY A 22 4.63 -6.76 -11.28
C GLY A 22 3.48 -7.32 -10.46
N ASP A 23 3.19 -8.60 -10.67
CA ASP A 23 2.13 -9.30 -9.95
C ASP A 23 2.82 -10.56 -9.41
N SER A 24 3.73 -10.36 -8.47
CA SER A 24 4.47 -11.47 -7.91
C SER A 24 3.82 -11.98 -6.63
N GLY A 25 4.15 -13.21 -6.27
CA GLY A 25 3.61 -13.79 -5.07
C GLY A 25 4.47 -13.47 -3.87
N LEU A 26 4.02 -13.86 -2.69
CA LEU A 26 4.75 -13.61 -1.45
C LEU A 26 5.97 -14.52 -1.33
N SER A 27 7.07 -13.98 -0.86
CA SER A 27 8.28 -14.76 -0.65
C SER A 27 8.00 -15.62 0.59
N ALA A 28 8.90 -16.52 0.94
CA ALA A 28 8.70 -17.34 2.12
C ALA A 28 8.52 -16.45 3.37
N ARG A 29 9.26 -15.34 3.41
CA ARG A 29 9.18 -14.42 4.54
C ARG A 29 7.94 -13.55 4.42
N GLY A 30 7.48 -13.36 3.19
CA GLY A 30 6.28 -12.58 2.95
C GLY A 30 5.16 -13.37 3.59
N LYS A 31 5.12 -14.66 3.29
CA LYS A 31 4.14 -15.60 3.84
C LYS A 31 4.18 -15.51 5.36
N GLN A 32 5.39 -15.48 5.93
CA GLN A 32 5.56 -15.38 7.37
C GLN A 32 4.88 -14.13 7.95
N TYR A 33 4.95 -13.02 7.22
CA TYR A 33 4.32 -11.79 7.67
C TYR A 33 2.80 -11.95 7.63
N ALA A 34 2.32 -12.75 6.69
CA ALA A 34 0.89 -13.00 6.57
C ALA A 34 0.42 -13.65 7.87
N TYR A 35 1.12 -14.71 8.27
CA TYR A 35 0.79 -15.40 9.50
C TYR A 35 1.07 -14.50 10.70
N ALA A 36 2.11 -13.68 10.59
CA ALA A 36 2.48 -12.78 11.68
C ALA A 36 1.40 -11.72 11.86
N LEU A 37 0.83 -11.28 10.75
CA LEU A 37 -0.24 -10.28 10.75
C LEU A 37 -1.50 -10.96 11.26
N ALA A 38 -1.61 -12.25 11.00
CA ALA A 38 -2.75 -13.04 11.44
C ALA A 38 -2.82 -12.98 12.95
N ASN A 39 -1.79 -13.49 13.60
CA ASN A 39 -1.71 -13.52 15.05
C ASN A 39 -1.93 -12.13 15.63
N PHE A 40 -1.43 -11.10 14.96
CA PHE A 40 -1.59 -9.72 15.42
C PHE A 40 -3.05 -9.33 15.41
N ILE A 41 -3.73 -9.63 14.30
CA ILE A 41 -5.15 -9.32 14.16
C ILE A 41 -5.95 -10.02 15.26
N ARG A 42 -5.58 -11.26 15.57
CA ARG A 42 -6.26 -12.01 16.62
C ARG A 42 -5.98 -11.39 17.99
N SER A 43 -4.76 -10.89 18.19
CA SER A 43 -4.39 -10.27 19.46
C SER A 43 -5.16 -8.99 19.68
N GLN A 44 -5.52 -8.31 18.59
CA GLN A 44 -6.27 -7.06 18.68
C GLN A 44 -7.73 -7.24 19.07
N GLY A 45 -8.28 -8.43 18.85
CA GLY A 45 -9.67 -8.71 19.19
C GLY A 45 -10.66 -7.65 18.74
N ILE A 46 -10.74 -7.44 17.42
CA ILE A 46 -11.66 -6.45 16.86
C ILE A 46 -13.06 -6.99 16.62
N SER A 47 -14.03 -6.07 16.54
CA SER A 47 -15.42 -6.44 16.31
C SER A 47 -15.71 -6.30 14.82
N SER A 48 -15.97 -7.44 14.18
CA SER A 48 -16.28 -7.50 12.74
C SER A 48 -15.40 -6.61 11.86
N LEU A 49 -14.16 -7.03 11.68
CA LEU A 49 -13.22 -6.29 10.84
C LEU A 49 -13.46 -6.64 9.38
N LYS A 50 -13.45 -5.63 8.51
CA LYS A 50 -13.62 -5.83 7.08
C LYS A 50 -12.23 -5.78 6.47
N VAL A 51 -11.84 -6.82 5.73
CA VAL A 51 -10.53 -6.83 5.11
C VAL A 51 -10.64 -6.53 3.62
N TRP A 52 -10.01 -5.44 3.19
CA TRP A 52 -10.00 -5.01 1.80
C TRP A 52 -8.62 -5.23 1.22
N THR A 53 -8.55 -5.77 0.01
CA THR A 53 -7.27 -5.98 -0.65
C THR A 53 -7.42 -5.45 -2.07
N SER A 54 -6.47 -5.81 -2.91
CA SER A 54 -6.50 -5.42 -4.30
C SER A 54 -6.62 -6.73 -5.06
N HIS A 55 -6.37 -6.70 -6.37
CA HIS A 55 -6.45 -7.91 -7.19
C HIS A 55 -5.10 -8.58 -7.32
N MET A 56 -4.04 -7.90 -6.88
CA MET A 56 -2.68 -8.45 -6.97
C MET A 56 -2.56 -9.64 -6.04
N LYS A 57 -1.75 -10.62 -6.44
CA LYS A 57 -1.52 -11.82 -5.63
C LYS A 57 -0.96 -11.51 -4.24
N ARG A 58 0.07 -10.68 -4.18
CA ARG A 58 0.71 -10.34 -2.92
C ARG A 58 -0.23 -9.91 -1.79
N THR A 59 -1.26 -9.13 -2.11
CA THR A 59 -2.21 -8.68 -1.10
C THR A 59 -3.19 -9.80 -0.78
N ILE A 60 -3.67 -10.48 -1.83
CA ILE A 60 -4.62 -11.57 -1.64
C ILE A 60 -4.04 -12.66 -0.74
N GLN A 61 -2.84 -13.11 -1.07
CA GLN A 61 -2.14 -14.14 -0.31
C GLN A 61 -1.91 -13.73 1.15
N THR A 62 -1.69 -12.44 1.39
CA THR A 62 -1.48 -11.92 2.74
C THR A 62 -2.78 -12.09 3.52
N ALA A 63 -3.88 -11.76 2.86
CA ALA A 63 -5.21 -11.86 3.45
C ALA A 63 -5.59 -13.32 3.71
N GLU A 64 -5.32 -14.20 2.75
CA GLU A 64 -5.65 -15.61 2.89
C GLU A 64 -5.10 -16.30 4.14
N ALA A 65 -4.26 -15.61 4.89
CA ALA A 65 -3.69 -16.19 6.10
C ALA A 65 -4.45 -15.71 7.33
N LEU A 66 -5.47 -14.89 7.13
CA LEU A 66 -6.28 -14.38 8.22
C LEU A 66 -7.51 -15.27 8.46
N GLY A 67 -7.73 -16.22 7.57
CA GLY A 67 -8.86 -17.12 7.69
C GLY A 67 -10.17 -16.50 7.21
N VAL A 68 -10.50 -15.34 7.78
CA VAL A 68 -11.71 -14.60 7.44
C VAL A 68 -11.76 -14.21 5.96
N PRO A 69 -12.94 -13.82 5.45
CA PRO A 69 -13.10 -13.42 4.05
C PRO A 69 -12.62 -12.00 3.76
N TYR A 70 -12.33 -11.73 2.50
CA TYR A 70 -11.87 -10.41 2.07
C TYR A 70 -12.52 -9.97 0.75
N GLU A 71 -12.65 -8.66 0.60
CA GLU A 71 -13.25 -8.05 -0.57
C GLU A 71 -12.13 -7.43 -1.40
N GLN A 72 -12.04 -7.81 -2.67
CA GLN A 72 -11.00 -7.29 -3.55
C GLN A 72 -11.42 -6.00 -4.26
N TRP A 73 -10.51 -5.02 -4.28
CA TRP A 73 -10.75 -3.74 -4.92
C TRP A 73 -9.67 -3.47 -5.96
N LYS A 74 -10.08 -3.25 -7.21
CA LYS A 74 -9.14 -2.96 -8.29
C LYS A 74 -8.58 -1.56 -8.14
N ALA A 75 -9.33 -0.68 -7.49
CA ALA A 75 -8.87 0.68 -7.27
C ALA A 75 -7.67 0.67 -6.32
N LEU A 76 -7.53 -0.40 -5.54
CA LEU A 76 -6.43 -0.51 -4.60
C LEU A 76 -5.18 -1.11 -5.24
N ASN A 77 -5.17 -1.27 -6.56
CA ASN A 77 -4.03 -1.84 -7.27
C ASN A 77 -2.88 -0.85 -7.27
N GLU A 78 -1.65 -1.37 -7.18
CA GLU A 78 -0.48 -0.51 -7.15
C GLU A 78 -0.32 0.34 -8.40
N ILE A 79 0.28 1.52 -8.22
CA ILE A 79 0.54 2.45 -9.29
C ILE A 79 1.21 1.70 -10.47
N ASP A 80 0.74 1.97 -11.68
CA ASP A 80 1.31 1.33 -12.86
C ASP A 80 2.64 1.99 -13.22
N ALA A 81 3.74 1.25 -13.08
CA ALA A 81 5.07 1.76 -13.40
C ALA A 81 5.25 1.83 -14.93
N GLY A 82 4.22 1.41 -15.64
CA GLY A 82 4.24 1.44 -17.10
C GLY A 82 5.37 0.65 -17.75
N VAL A 83 6.14 1.34 -18.57
CA VAL A 83 7.25 0.75 -19.31
C VAL A 83 8.42 0.33 -18.37
N CYS A 84 8.39 0.83 -17.13
CA CYS A 84 9.41 0.51 -16.14
C CYS A 84 9.00 -0.61 -15.16
N GLU A 85 7.90 -1.29 -15.45
CA GLU A 85 7.42 -2.38 -14.60
C GLU A 85 8.44 -3.50 -14.49
N GLU A 86 8.59 -4.03 -13.28
CA GLU A 86 9.54 -5.10 -12.99
C GLU A 86 11.01 -4.75 -13.20
N MET A 87 11.35 -3.47 -13.10
CA MET A 87 12.73 -3.01 -13.27
C MET A 87 13.35 -2.56 -11.93
N THR A 88 14.67 -2.50 -11.90
CA THR A 88 15.40 -2.05 -10.71
C THR A 88 15.72 -0.57 -10.92
N TYR A 89 16.13 0.10 -9.86
CA TYR A 89 16.51 1.50 -9.94
C TYR A 89 17.61 1.70 -11.00
N GLU A 90 18.53 0.74 -11.07
CA GLU A 90 19.62 0.81 -12.03
C GLU A 90 19.11 0.65 -13.46
N GLU A 91 18.35 -0.40 -13.72
CA GLU A 91 17.84 -0.63 -15.07
C GLU A 91 17.07 0.58 -15.56
N ILE A 92 16.33 1.23 -14.68
CA ILE A 92 15.55 2.41 -15.04
C ILE A 92 16.48 3.54 -15.45
N GLN A 93 17.52 3.78 -14.65
CA GLN A 93 18.50 4.83 -14.93
C GLN A 93 19.30 4.55 -16.21
N GLU A 94 19.53 3.27 -16.49
CA GLU A 94 20.26 2.84 -17.66
C GLU A 94 19.42 3.01 -18.93
N HIS A 95 18.32 2.27 -18.99
CA HIS A 95 17.44 2.29 -20.15
C HIS A 95 16.51 3.51 -20.26
N TYR A 96 16.30 4.22 -19.14
CA TYR A 96 15.44 5.41 -19.12
C TYR A 96 16.10 6.54 -18.30
N PRO A 97 17.30 6.99 -18.70
CA PRO A 97 18.03 8.05 -18.00
C PRO A 97 17.29 9.37 -17.90
N GLU A 98 16.59 9.73 -18.97
CA GLU A 98 15.84 10.98 -19.02
C GLU A 98 14.67 10.95 -18.04
N GLU A 99 13.80 9.95 -18.18
CA GLU A 99 12.63 9.81 -17.30
C GLU A 99 13.03 9.86 -15.83
N PHE A 100 14.14 9.23 -15.49
CA PHE A 100 14.60 9.20 -14.11
C PHE A 100 14.85 10.62 -13.57
N ALA A 101 15.60 11.43 -14.33
CA ALA A 101 15.90 12.79 -13.91
C ALA A 101 14.60 13.59 -13.83
N LEU A 102 13.82 13.50 -14.90
CA LEU A 102 12.52 14.16 -15.02
C LEU A 102 11.63 13.86 -13.80
N ARG A 103 11.73 12.64 -13.29
CA ARG A 103 10.97 12.21 -12.12
C ARG A 103 11.46 12.85 -10.83
N ASP A 104 12.77 13.03 -10.70
CA ASP A 104 13.35 13.62 -9.49
C ASP A 104 12.92 15.07 -9.33
N GLN A 105 12.51 15.70 -10.43
CA GLN A 105 12.05 17.10 -10.39
C GLN A 105 10.74 17.18 -9.63
N ASP A 106 9.67 16.60 -10.20
CA ASP A 106 8.35 16.58 -9.58
C ASP A 106 7.97 15.12 -9.42
N LYS A 107 7.84 14.69 -8.17
CA LYS A 107 7.49 13.31 -7.87
C LYS A 107 5.98 13.08 -7.92
N TYR A 108 5.21 14.08 -7.54
CA TYR A 108 3.76 13.97 -7.55
C TYR A 108 3.15 13.94 -8.96
N ARG A 109 3.71 14.74 -9.87
CA ARG A 109 3.19 14.80 -11.22
C ARG A 109 3.92 13.94 -12.24
N TYR A 110 4.93 13.19 -11.79
CA TYR A 110 5.65 12.33 -12.72
C TYR A 110 4.80 11.12 -13.12
N ARG A 111 4.68 10.90 -14.43
CA ARG A 111 3.92 9.77 -14.95
C ARG A 111 4.86 8.90 -15.79
N TYR A 112 5.00 7.64 -15.40
CA TYR A 112 5.84 6.70 -16.12
C TYR A 112 5.35 6.51 -17.55
N PRO A 113 6.25 6.17 -18.50
CA PRO A 113 5.85 5.97 -19.89
C PRO A 113 4.88 4.79 -19.94
N LYS A 114 3.67 5.03 -20.45
CA LYS A 114 2.61 4.01 -20.55
C LYS A 114 2.02 3.65 -19.19
N GLY A 115 2.16 4.54 -18.21
CA GLY A 115 1.63 4.25 -16.90
C GLY A 115 1.00 5.44 -16.23
N GLU A 116 0.88 5.39 -14.90
CA GLU A 116 0.27 6.47 -14.15
C GLU A 116 1.20 7.16 -13.14
N SER A 117 0.67 8.17 -12.46
CA SER A 117 1.42 8.96 -11.49
C SER A 117 0.67 8.95 -10.16
N TYR A 118 1.26 9.57 -9.13
CA TYR A 118 0.61 9.65 -7.83
C TYR A 118 -0.69 10.43 -8.04
N GLU A 119 -0.64 11.38 -8.96
CA GLU A 119 -1.78 12.22 -9.29
C GLU A 119 -2.92 11.37 -9.83
N ASP A 120 -2.61 10.55 -10.84
CA ASP A 120 -3.59 9.66 -11.44
C ASP A 120 -4.17 8.75 -10.37
N LEU A 121 -3.28 8.17 -9.57
CA LEU A 121 -3.65 7.27 -8.48
C LEU A 121 -4.59 7.94 -7.48
N VAL A 122 -4.37 9.23 -7.20
CA VAL A 122 -5.22 9.98 -6.28
C VAL A 122 -6.67 9.93 -6.78
N GLN A 123 -6.85 10.25 -8.07
CA GLN A 123 -8.15 10.21 -8.73
C GLN A 123 -8.75 8.82 -8.54
N ARG A 124 -7.97 7.80 -8.90
CA ARG A 124 -8.38 6.40 -8.79
C ARG A 124 -8.82 5.98 -7.38
N LEU A 125 -8.17 6.54 -6.36
CA LEU A 125 -8.49 6.20 -4.98
C LEU A 125 -9.69 6.93 -4.38
N GLU A 126 -10.23 7.90 -5.11
CA GLU A 126 -11.39 8.67 -4.65
C GLU A 126 -12.53 7.78 -4.10
N PRO A 127 -13.01 6.80 -4.90
CA PRO A 127 -14.09 5.93 -4.43
C PRO A 127 -13.72 5.10 -3.22
N VAL A 128 -12.47 4.67 -3.14
CA VAL A 128 -11.98 3.87 -2.03
C VAL A 128 -12.02 4.67 -0.74
N ILE A 129 -11.53 5.92 -0.81
CA ILE A 129 -11.54 6.80 0.36
C ILE A 129 -12.98 7.03 0.80
N MET A 130 -13.86 7.38 -0.15
CA MET A 130 -15.26 7.63 0.17
C MET A 130 -15.92 6.48 0.93
N GLU A 131 -15.67 5.25 0.51
CA GLU A 131 -16.25 4.10 1.19
C GLU A 131 -15.52 3.81 2.50
N LEU A 132 -14.22 4.04 2.52
CA LEU A 132 -13.40 3.80 3.72
C LEU A 132 -13.75 4.74 4.86
N GLU A 133 -13.98 6.00 4.52
CA GLU A 133 -14.29 7.02 5.52
C GLU A 133 -15.73 6.96 6.07
N ARG A 134 -16.44 5.87 5.78
CA ARG A 134 -17.80 5.70 6.27
C ARG A 134 -18.06 4.26 6.70
N GLN A 135 -16.98 3.56 7.00
CA GLN A 135 -17.04 2.17 7.44
C GLN A 135 -16.55 2.14 8.89
N GLU A 136 -16.63 0.99 9.56
CA GLU A 136 -16.17 0.91 10.94
C GLU A 136 -14.74 0.37 11.05
N ASN A 137 -14.58 -0.91 11.37
CA ASN A 137 -13.25 -1.52 11.48
C ASN A 137 -12.81 -2.08 10.13
N VAL A 138 -11.70 -1.57 9.61
CA VAL A 138 -11.20 -2.00 8.30
C VAL A 138 -9.68 -2.21 8.26
N LEU A 139 -9.27 -3.30 7.62
CA LEU A 139 -7.87 -3.62 7.44
C LEU A 139 -7.66 -3.57 5.93
N VAL A 140 -6.97 -2.54 5.46
CA VAL A 140 -6.71 -2.39 4.04
C VAL A 140 -5.29 -2.84 3.75
N ILE A 141 -5.16 -4.04 3.16
CA ILE A 141 -3.86 -4.58 2.82
C ILE A 141 -3.59 -4.15 1.37
N CYS A 142 -2.74 -3.16 1.19
CA CYS A 142 -2.45 -2.66 -0.14
C CYS A 142 -0.97 -2.66 -0.54
N HIS A 143 -0.49 -1.55 -1.10
CA HIS A 143 0.88 -1.42 -1.59
C HIS A 143 1.49 -0.09 -1.15
N GLN A 144 2.77 0.14 -1.48
CA GLN A 144 3.45 1.36 -1.06
C GLN A 144 2.90 2.69 -1.55
N ALA A 145 2.67 2.83 -2.85
CA ALA A 145 2.16 4.10 -3.38
C ALA A 145 0.71 4.34 -2.98
N VAL A 146 -0.07 3.26 -2.91
CA VAL A 146 -1.47 3.34 -2.52
C VAL A 146 -1.57 3.75 -1.06
N MET A 147 -0.79 3.08 -0.21
CA MET A 147 -0.79 3.34 1.22
C MET A 147 -0.41 4.77 1.56
N ARG A 148 0.41 5.39 0.72
CA ARG A 148 0.83 6.76 0.95
C ARG A 148 -0.27 7.75 0.62
N CYS A 149 -1.01 7.47 -0.46
CA CYS A 149 -2.11 8.34 -0.86
C CYS A 149 -3.21 8.31 0.21
N LEU A 150 -3.52 7.12 0.70
CA LEU A 150 -4.53 6.96 1.74
C LEU A 150 -4.08 7.62 3.03
N LEU A 151 -2.87 7.28 3.48
CA LEU A 151 -2.28 7.82 4.70
C LEU A 151 -2.31 9.34 4.63
N ALA A 152 -1.74 9.90 3.56
CA ALA A 152 -1.69 11.34 3.33
C ALA A 152 -3.06 12.01 3.46
N TYR A 153 -4.10 11.31 3.00
CA TYR A 153 -5.47 11.83 3.07
C TYR A 153 -5.90 12.00 4.51
N PHE A 154 -5.75 10.94 5.30
CA PHE A 154 -6.15 10.96 6.71
C PHE A 154 -5.22 11.74 7.62
N LEU A 155 -4.11 12.23 7.08
CA LEU A 155 -3.14 13.00 7.85
C LEU A 155 -2.93 14.36 7.17
N ASP A 156 -3.82 14.67 6.22
CA ASP A 156 -3.80 15.89 5.42
C ASP A 156 -2.38 16.37 5.11
N LYS A 157 -1.77 15.74 4.10
CA LYS A 157 -0.41 16.06 3.68
C LYS A 157 -0.45 16.65 2.29
N SER A 158 0.59 17.41 1.96
CA SER A 158 0.70 18.04 0.65
C SER A 158 1.00 17.01 -0.44
N SER A 159 0.66 17.36 -1.68
CA SER A 159 0.92 16.47 -2.81
C SER A 159 2.44 16.38 -2.97
N ASP A 160 3.12 17.40 -2.44
CA ASP A 160 4.57 17.52 -2.46
C ASP A 160 5.20 16.46 -1.56
N GLU A 161 4.84 16.48 -0.28
CA GLU A 161 5.37 15.54 0.70
C GLU A 161 4.87 14.10 0.58
N LEU A 162 3.64 13.95 0.09
CA LEU A 162 3.00 12.65 -0.09
C LEU A 162 3.91 11.50 -0.55
N PRO A 163 4.62 11.68 -1.68
CA PRO A 163 5.50 10.61 -2.18
C PRO A 163 6.70 10.25 -1.28
N TYR A 164 6.83 10.89 -0.12
CA TYR A 164 7.95 10.61 0.76
C TYR A 164 7.58 10.00 2.11
N LEU A 165 6.31 9.62 2.28
CA LEU A 165 5.83 9.03 3.52
C LEU A 165 6.40 7.66 3.84
N LYS A 166 6.71 7.44 5.11
CA LYS A 166 7.27 6.17 5.56
C LYS A 166 6.24 5.05 5.45
N CYS A 167 6.37 4.25 4.42
CA CYS A 167 5.49 3.11 4.23
C CYS A 167 6.31 1.87 3.96
N PRO A 168 7.08 1.42 4.97
CA PRO A 168 7.90 0.22 4.81
C PRO A 168 7.06 -1.05 4.77
N LEU A 169 7.72 -2.17 4.50
CA LEU A 169 7.06 -3.47 4.47
C LEU A 169 6.91 -3.94 5.92
N HIS A 170 6.03 -4.90 6.13
CA HIS A 170 5.79 -5.49 7.45
C HIS A 170 5.43 -4.55 8.59
N THR A 171 4.98 -3.34 8.26
CA THR A 171 4.58 -2.39 9.28
C THR A 171 3.11 -2.01 9.10
N VAL A 172 2.31 -2.17 10.14
CA VAL A 172 0.89 -1.83 10.09
C VAL A 172 0.59 -0.55 10.86
N LEU A 173 -0.03 0.41 10.17
CA LEU A 173 -0.40 1.68 10.76
C LEU A 173 -1.85 1.64 11.20
N LYS A 174 -2.06 1.68 12.50
CA LYS A 174 -3.40 1.67 13.07
C LYS A 174 -3.93 3.10 13.10
N LEU A 175 -4.75 3.47 12.10
CA LEU A 175 -5.32 4.80 12.03
C LEU A 175 -6.63 4.92 12.79
N THR A 176 -6.72 5.91 13.66
CA THR A 176 -7.92 6.17 14.43
C THR A 176 -8.27 7.64 14.22
N PRO A 177 -9.21 7.93 13.32
CA PRO A 177 -9.59 9.32 13.07
C PRO A 177 -10.20 9.94 14.33
N VAL A 178 -9.75 11.14 14.66
CA VAL A 178 -10.23 11.86 15.82
C VAL A 178 -10.54 13.29 15.41
N ALA A 179 -11.30 14.00 16.23
CA ALA A 179 -11.72 15.38 15.97
C ALA A 179 -10.77 16.32 15.21
N TYR A 180 -9.47 16.20 15.44
CA TYR A 180 -8.51 17.08 14.77
C TYR A 180 -7.90 16.55 13.47
N GLY A 181 -8.15 15.28 13.18
CA GLY A 181 -7.62 14.67 11.97
C GLY A 181 -7.57 13.17 12.12
N CYS A 182 -6.44 12.66 12.62
CA CYS A 182 -6.30 11.23 12.82
C CYS A 182 -5.14 10.90 13.77
N ARG A 183 -5.19 9.71 14.37
CA ARG A 183 -4.18 9.23 15.30
C ARG A 183 -3.54 7.98 14.72
N VAL A 184 -2.21 7.97 14.61
CA VAL A 184 -1.49 6.83 14.07
C VAL A 184 -0.69 6.08 15.13
N GLU A 185 -0.76 4.76 15.09
CA GLU A 185 -0.04 3.90 16.02
C GLU A 185 0.69 2.92 15.11
N SER A 186 1.99 3.11 14.95
CA SER A 186 2.81 2.26 14.09
C SER A 186 3.17 0.95 14.76
N ILE A 187 2.93 -0.16 14.07
CA ILE A 187 3.23 -1.49 14.59
C ILE A 187 4.12 -2.23 13.60
N TYR A 188 5.28 -2.69 14.08
CA TYR A 188 6.23 -3.40 13.23
C TYR A 188 6.28 -4.85 13.65
N LEU A 189 6.17 -5.75 12.68
CA LEU A 189 6.20 -7.18 12.97
C LEU A 189 7.48 -7.81 12.43
N ASN A 190 8.39 -8.16 13.33
CA ASN A 190 9.66 -8.74 12.93
C ASN A 190 9.58 -10.22 12.56
N VAL A 191 9.90 -10.50 11.31
CA VAL A 191 9.88 -11.84 10.76
C VAL A 191 11.03 -11.99 9.76
#